data_6OGA
#
_entry.id   6OGA
#
_cell.length_a   51.600
_cell.length_b   68.600
_cell.length_c   61.450
_cell.angle_alpha   90.00
_cell.angle_beta   99.82
_cell.angle_gamma   90.00
#
_symmetry.space_group_name_H-M   'P 1 21 1'
#
loop_
_entity.id
_entity.type
_entity.pdbx_description
1 polymer 'Crystal structure of Green Fluorescent Protein (GFP); S65T, Y66(3-Br1Y), H148D; circular permutant (50-51)'
2 non-polymer 'ACETATE ION'
3 non-polymer GLYCEROL
4 water water
#
_entity_poly.entity_id   1
_entity_poly.type   'polypeptide(L)'
_entity_poly.pdbx_seq_one_letter_code
;GHHHHHHSSGGKLPVPWPTLVTTL(B2C)VQCFSRYPDHMKRHDFFKSAMPEGYVQERTISFKDDGKYKTRAVVKFEGDT
LVNRIELKGTDFKEDGNILGHKLEYNFNSDNVYITADKQKNGIKANFTVRHNVEDGSVQLADHYQQNTPIGDGPVLLPDN
HYLSTQTVLSKDPNEKRDHMVLLEFVTAAGITHGMDELYGGTGGSASQGEELFTGVVPILVELDGDVNGHKFSVRGEGEG
DATIGKLTLKFISTT
;
_entity_poly.pdbx_strand_id   A,B
#
loop_
_chem_comp.id
_chem_comp.type
_chem_comp.name
_chem_comp.formula
ACT non-polymer 'ACETATE ION' 'C2 H3 O2 -1'
GOL non-polymer GLYCEROL 'C3 H8 O3'
#
# COMPACT_ATOMS: atom_id res chain seq x y z
N GLY A 11 6.44 -22.29 -12.59
CA GLY A 11 6.75 -21.50 -13.78
C GLY A 11 6.15 -20.11 -13.82
N LYS A 12 6.66 -19.25 -14.71
CA LYS A 12 6.21 -17.89 -14.83
C LYS A 12 4.76 -17.82 -15.22
N LEU A 13 4.00 -17.00 -14.51
CA LEU A 13 2.59 -16.84 -14.83
C LEU A 13 2.41 -16.25 -16.23
N PRO A 14 1.38 -16.66 -16.95
CA PRO A 14 1.11 -16.07 -18.27
C PRO A 14 0.47 -14.69 -18.19
N VAL A 15 0.10 -14.22 -17.00
CA VAL A 15 -0.50 -12.91 -16.83
C VAL A 15 0.23 -12.22 -15.69
N PRO A 16 0.14 -10.89 -15.61
CA PRO A 16 0.82 -10.16 -14.52
C PRO A 16 0.15 -10.43 -13.18
N TRP A 17 0.98 -10.54 -12.14
CA TRP A 17 0.44 -10.75 -10.80
C TRP A 17 -0.59 -9.70 -10.40
N PRO A 18 -0.40 -8.40 -10.68
CA PRO A 18 -1.43 -7.42 -10.28
C PRO A 18 -2.81 -7.73 -10.82
N THR A 19 -2.91 -8.39 -11.99
CA THR A 19 -4.24 -8.67 -12.53
C THR A 19 -4.97 -9.77 -11.77
N LEU A 20 -4.30 -10.49 -10.88
CA LEU A 20 -4.90 -11.56 -10.09
C LEU A 20 -5.22 -11.15 -8.66
N VAL A 21 -4.83 -9.92 -8.27
CA VAL A 21 -4.97 -9.52 -6.87
C VAL A 21 -6.42 -9.64 -6.40
N THR A 22 -7.35 -9.07 -7.15
CA THR A 22 -8.74 -9.07 -6.66
C THR A 22 -9.33 -10.48 -6.64
N THR A 23 -8.87 -11.37 -7.51
CA THR A 23 -9.36 -12.74 -7.50
C THR A 23 -8.83 -13.51 -6.31
N LEU A 24 -7.54 -13.36 -6.02
CA LEU A 24 -6.89 -14.05 -4.93
C LEU A 24 -7.37 -13.49 -3.58
CB1 B2C A 25 -6.82 -10.65 -1.59
CB2 B2C A 25 -10.97 -7.80 -3.45
CG1 B2C A 25 -5.51 -11.41 -1.44
OG1 B2C A 25 -6.52 -9.50 -2.37
CG2 B2C A 25 -10.36 -6.56 -3.76
CD1 B2C A 25 -9.02 -6.24 -3.24
CD2 B2C A 25 -11.01 -5.53 -4.59
CE1 B2C A 25 -8.42 -5.02 -3.55
CE2 B2C A 25 -10.39 -4.29 -4.90
CZ B2C A 25 -9.04 -3.97 -4.38
OH B2C A 25 -8.45 -2.87 -4.62
BR B2C A 25 -6.72 -4.68 -2.84
C1 B2C A 25 -9.13 -10.72 -2.60
C2 B2C A 25 -11.31 -10.24 -3.15
C3 B2C A 25 -11.39 -13.10 -1.42
CA1 B2C A 25 -7.94 -11.53 -2.22
CA2 B2C A 25 -10.43 -9.05 -3.14
CA3 B2C A 25 -10.77 -12.68 -2.67
N1 B2C A 25 -7.50 -12.09 -3.47
N2 B2C A 25 -9.14 -9.41 -2.79
N3 B2C A 25 -10.42 -11.29 -2.79
O2 B2C A 25 -12.51 -10.41 -3.40
O3 B2C A 25 -12.22 -14.03 -1.44
N VAL A 26 -10.87 -12.42 -0.38
CA VAL A 26 -11.32 -12.83 0.94
C VAL A 26 -11.82 -11.61 1.71
N GLN A 27 -12.88 -11.01 1.20
CA GLN A 27 -13.36 -9.72 1.72
C GLN A 27 -13.97 -9.83 3.11
N CYS A 28 -14.10 -11.04 3.63
CA CYS A 28 -14.45 -11.24 5.03
C CYS A 28 -13.39 -10.70 5.99
N PHE A 29 -12.20 -10.35 5.50
CA PHE A 29 -11.20 -9.73 6.39
C PHE A 29 -11.23 -8.21 6.36
N SER A 30 -12.21 -7.60 5.68
CA SER A 30 -12.34 -6.14 5.72
C SER A 30 -12.65 -5.67 7.14
N ARG A 31 -12.16 -4.48 7.48
CA ARG A 31 -12.50 -3.86 8.76
C ARG A 31 -13.81 -3.11 8.59
N TYR A 32 -14.86 -3.59 9.28
CA TYR A 32 -16.12 -2.86 9.36
C TYR A 32 -16.12 -2.05 10.64
N PRO A 33 -16.17 -0.72 10.57
CA PRO A 33 -16.24 0.08 11.80
C PRO A 33 -17.44 -0.34 12.63
N ASP A 34 -17.35 -0.09 13.93
CA ASP A 34 -18.42 -0.54 14.82
C ASP A 34 -19.81 -0.13 14.33
N HIS A 35 -19.95 1.13 13.88
CA HIS A 35 -21.28 1.57 13.48
C HIS A 35 -21.77 0.94 12.18
N MET A 36 -20.93 0.17 11.48
CA MET A 36 -21.33 -0.48 10.24
C MET A 36 -21.35 -2.00 10.36
N LYS A 37 -21.13 -2.56 11.54
CA LYS A 37 -20.99 -4.01 11.61
C LYS A 37 -22.27 -4.73 11.18
N ARG A 38 -23.43 -4.08 11.25
CA ARG A 38 -24.62 -4.79 10.80
C ARG A 38 -24.69 -4.87 9.27
N HIS A 39 -23.69 -4.33 8.57
CA HIS A 39 -23.66 -4.35 7.11
C HIS A 39 -22.61 -5.29 6.56
N ASP A 40 -22.02 -6.14 7.41
CA ASP A 40 -20.93 -7.03 6.98
C ASP A 40 -21.51 -8.38 6.56
N PHE A 41 -21.92 -8.46 5.30
CA PHE A 41 -22.44 -9.72 4.77
C PHE A 41 -21.38 -10.83 4.84
N PHE A 42 -20.12 -10.47 4.52
CA PHE A 42 -19.09 -11.49 4.30
C PHE A 42 -18.88 -12.36 5.54
N LYS A 43 -18.69 -11.74 6.70
CA LYS A 43 -18.47 -12.53 7.90
C LYS A 43 -19.75 -13.26 8.32
N SER A 44 -20.91 -12.66 8.10
CA SER A 44 -22.16 -13.27 8.55
C SER A 44 -22.43 -14.58 7.83
N ALA A 45 -21.86 -14.77 6.64
CA ALA A 45 -22.05 -16.01 5.89
C ALA A 45 -21.18 -17.16 6.39
N MET A 46 -20.23 -16.91 7.30
CA MET A 46 -19.30 -17.90 7.82
C MET A 46 -19.91 -18.68 8.99
N PRO A 47 -19.52 -19.95 9.22
CA PRO A 47 -18.43 -20.68 8.55
C PRO A 47 -18.74 -21.37 7.21
N GLU A 48 -20.01 -21.53 6.86
CA GLU A 48 -20.32 -22.25 5.62
C GLU A 48 -19.83 -21.49 4.39
N GLY A 49 -19.82 -20.17 4.46
CA GLY A 49 -19.19 -19.39 3.40
C GLY A 49 -20.13 -18.90 2.32
N TYR A 50 -19.51 -18.47 1.23
CA TYR A 50 -20.23 -17.95 0.09
C TYR A 50 -19.53 -18.33 -1.20
N VAL A 51 -20.28 -18.27 -2.28
CA VAL A 51 -19.75 -18.38 -3.62
C VAL A 51 -19.58 -16.97 -4.13
N GLN A 52 -18.39 -16.64 -4.62
CA GLN A 52 -18.09 -15.33 -5.18
C GLN A 52 -17.78 -15.49 -6.66
N GLU A 53 -18.54 -14.80 -7.51
CA GLU A 53 -18.36 -14.87 -8.95
C GLU A 53 -18.07 -13.48 -9.51
N ARG A 54 -17.17 -13.41 -10.48
CA ARG A 54 -16.88 -12.14 -11.12
C ARG A 54 -16.75 -12.30 -12.63
N THR A 55 -17.05 -11.21 -13.33
CA THR A 55 -16.51 -10.98 -14.66
C THR A 55 -15.62 -9.76 -14.57
N ILE A 56 -14.37 -9.89 -15.01
CA ILE A 56 -13.42 -8.78 -15.01
C ILE A 56 -13.09 -8.49 -16.46
N SER A 57 -13.52 -7.34 -16.94
CA SER A 57 -13.34 -6.97 -18.33
C SER A 57 -12.15 -6.03 -18.44
N PHE A 58 -11.07 -6.50 -19.06
CA PHE A 58 -9.93 -5.63 -19.33
C PHE A 58 -10.21 -4.84 -20.60
N LYS A 59 -10.38 -3.54 -20.47
CA LYS A 59 -10.80 -2.71 -21.59
C LYS A 59 -9.78 -2.80 -22.73
N ASP A 60 -10.29 -2.86 -23.96
CA ASP A 60 -9.47 -3.02 -25.16
C ASP A 60 -8.69 -4.33 -25.14
N ASP A 61 -9.14 -5.29 -24.35
CA ASP A 61 -8.47 -6.58 -24.22
C ASP A 61 -9.50 -7.62 -23.78
N GLY A 62 -9.03 -8.71 -23.19
CA GLY A 62 -9.86 -9.85 -22.84
C GLY A 62 -10.58 -9.72 -21.50
N LYS A 63 -11.13 -10.84 -21.04
CA LYS A 63 -11.87 -10.85 -19.77
C LYS A 63 -11.55 -12.09 -18.96
N TYR A 64 -11.61 -11.95 -17.64
CA TYR A 64 -11.62 -13.10 -16.74
C TYR A 64 -13.04 -13.36 -16.26
N LYS A 65 -13.42 -14.64 -16.17
CA LYS A 65 -14.60 -15.06 -15.44
C LYS A 65 -14.15 -15.97 -14.31
N THR A 66 -14.58 -15.67 -13.08
CA THR A 66 -14.11 -16.42 -11.93
C THR A 66 -15.27 -16.94 -11.08
N ARG A 67 -15.04 -18.09 -10.46
CA ARG A 67 -15.95 -18.62 -9.45
C ARG A 67 -15.09 -19.09 -8.30
N ALA A 68 -15.48 -18.71 -7.10
CA ALA A 68 -14.72 -19.08 -5.92
C ALA A 68 -15.66 -19.53 -4.83
N VAL A 69 -15.18 -20.47 -4.02
CA VAL A 69 -15.84 -20.87 -2.78
C VAL A 69 -14.94 -20.38 -1.64
N VAL A 70 -15.50 -19.55 -0.76
CA VAL A 70 -14.79 -19.00 0.38
C VAL A 70 -15.49 -19.53 1.64
N LYS A 71 -14.76 -20.26 2.47
CA LYS A 71 -15.36 -20.90 3.64
C LYS A 71 -14.26 -21.25 4.64
N PHE A 72 -14.67 -21.58 5.85
CA PHE A 72 -13.74 -22.09 6.84
C PHE A 72 -13.56 -23.59 6.68
N GLU A 73 -12.31 -24.03 6.84
CA GLU A 73 -11.97 -25.45 6.97
C GLU A 73 -11.11 -25.51 8.22
N GLY A 74 -11.68 -26.01 9.30
CA GLY A 74 -10.96 -25.98 10.57
C GLY A 74 -10.70 -24.55 10.98
N ASP A 75 -9.46 -24.25 11.33
CA ASP A 75 -9.16 -22.90 11.76
C ASP A 75 -8.79 -21.97 10.61
N THR A 76 -8.86 -22.45 9.37
CA THR A 76 -8.33 -21.71 8.23
C THR A 76 -9.45 -21.21 7.34
N LEU A 77 -9.36 -19.93 6.94
CA LEU A 77 -10.27 -19.36 5.93
C LEU A 77 -9.71 -19.72 4.57
N VAL A 78 -10.48 -20.46 3.76
CA VAL A 78 -9.98 -20.98 2.48
C VAL A 78 -10.71 -20.33 1.32
N ASN A 79 -9.96 -19.96 0.29
CA ASN A 79 -10.49 -19.35 -0.94
C ASN A 79 -10.01 -20.19 -2.11
N ARG A 80 -10.92 -20.97 -2.72
CA ARG A 80 -10.59 -21.81 -3.87
C ARG A 80 -11.29 -21.27 -5.11
N ILE A 81 -10.53 -21.00 -6.16
CA ILE A 81 -10.99 -20.26 -7.33
C ILE A 81 -10.72 -21.04 -8.59
N GLU A 82 -11.65 -20.97 -9.53
CA GLU A 82 -11.35 -21.32 -10.92
C GLU A 82 -11.54 -20.05 -11.75
N LEU A 83 -10.56 -19.79 -12.62
CA LEU A 83 -10.51 -18.58 -13.43
C LEU A 83 -10.38 -18.98 -14.89
N LYS A 84 -11.21 -18.38 -15.75
CA LYS A 84 -11.12 -18.63 -17.18
C LYS A 84 -11.00 -17.29 -17.88
N GLY A 85 -9.91 -17.11 -18.61
CA GLY A 85 -9.66 -15.87 -19.35
C GLY A 85 -9.81 -16.13 -20.82
N THR A 86 -10.46 -15.20 -21.53
CA THR A 86 -10.73 -15.36 -22.95
C THR A 86 -10.54 -14.03 -23.67
N ASP A 87 -10.19 -14.14 -24.96
CA ASP A 87 -10.16 -13.01 -25.88
C ASP A 87 -9.08 -11.98 -25.54
N PHE A 88 -7.99 -12.44 -24.92
CA PHE A 88 -6.85 -11.56 -24.71
C PHE A 88 -6.00 -11.42 -25.97
N LYS A 89 -5.35 -10.27 -26.08
CA LYS A 89 -4.44 -9.99 -27.19
C LYS A 89 -3.05 -10.45 -26.78
N GLU A 90 -2.43 -11.33 -27.57
CA GLU A 90 -1.17 -11.90 -27.14
C GLU A 90 -0.08 -10.84 -26.96
N ASP A 91 -0.23 -9.67 -27.60
CA ASP A 91 0.71 -8.56 -27.44
C ASP A 91 0.11 -7.40 -26.66
N GLY A 92 -0.97 -7.63 -25.92
CA GLY A 92 -1.58 -6.60 -25.09
C GLY A 92 -0.85 -6.41 -23.77
N ASN A 93 -1.46 -5.60 -22.92
CA ASN A 93 -0.83 -5.29 -21.64
C ASN A 93 -0.80 -6.49 -20.72
N ILE A 94 -1.73 -7.44 -20.87
CA ILE A 94 -1.82 -8.56 -19.93
C ILE A 94 -0.90 -9.70 -20.38
N LEU A 95 -1.17 -10.29 -21.54
CA LEU A 95 -0.31 -11.37 -22.02
C LEU A 95 1.09 -10.88 -22.37
N GLY A 96 1.23 -9.60 -22.69
CA GLY A 96 2.53 -8.99 -22.95
C GLY A 96 3.30 -8.56 -21.73
N HIS A 97 2.74 -8.73 -20.53
CA HIS A 97 3.42 -8.37 -19.28
C HIS A 97 3.93 -6.93 -19.30
N LYS A 98 3.00 -5.98 -19.49
CA LYS A 98 3.36 -4.57 -19.57
C LYS A 98 2.90 -3.75 -18.37
N LEU A 99 2.49 -4.40 -17.28
CA LEU A 99 1.95 -3.71 -16.11
C LEU A 99 3.01 -3.56 -15.02
N GLU A 100 3.01 -2.41 -14.34
CA GLU A 100 3.90 -2.20 -13.22
C GLU A 100 3.51 -3.08 -12.03
N TYR A 101 4.50 -3.39 -11.20
CA TYR A 101 4.30 -4.24 -10.02
C TYR A 101 3.90 -3.39 -8.82
N ASN A 102 2.65 -2.95 -8.84
CA ASN A 102 2.06 -2.19 -7.74
C ASN A 102 0.55 -2.25 -7.91
N PHE A 103 -0.17 -1.58 -7.02
CA PHE A 103 -1.63 -1.73 -6.99
C PHE A 103 -2.23 -0.52 -6.31
N ASN A 104 -3.04 0.24 -7.05
CA ASN A 104 -3.65 1.47 -6.57
C ASN A 104 -4.80 1.19 -5.63
N SER A 105 -5.19 2.21 -4.87
CA SER A 105 -6.37 2.08 -4.02
C SER A 105 -7.63 1.98 -4.89
N ASP A 106 -8.61 1.23 -4.37
CA ASP A 106 -9.92 1.09 -4.99
C ASP A 106 -10.99 1.41 -3.96
N ASN A 107 -12.15 1.85 -4.45
CA ASN A 107 -13.38 1.82 -3.67
C ASN A 107 -14.30 0.78 -4.29
N VAL A 108 -14.62 -0.27 -3.52
CA VAL A 108 -15.45 -1.39 -3.96
C VAL A 108 -16.88 -1.09 -3.50
N TYR A 109 -17.78 -0.77 -4.45
CA TYR A 109 -19.15 -0.39 -4.11
C TYR A 109 -20.05 -1.63 -3.99
N ILE A 110 -20.69 -1.77 -2.83
N ILE A 110 -20.66 -1.78 -2.82
CA ILE A 110 -21.46 -2.96 -2.49
CA ILE A 110 -21.47 -2.94 -2.46
C ILE A 110 -22.94 -2.59 -2.37
C ILE A 110 -22.94 -2.54 -2.46
N THR A 111 -23.79 -3.45 -2.92
CA THR A 111 -25.24 -3.29 -2.79
C THR A 111 -25.84 -4.65 -2.48
N ALA A 112 -26.98 -4.65 -1.80
CA ALA A 112 -27.62 -5.92 -1.45
C ALA A 112 -28.30 -6.50 -2.68
N ASP A 113 -28.35 -7.83 -2.73
CA ASP A 113 -29.09 -8.59 -3.73
C ASP A 113 -30.06 -9.47 -2.97
N LYS A 114 -31.20 -8.89 -2.57
CA LYS A 114 -32.11 -9.59 -1.68
C LYS A 114 -32.64 -10.89 -2.27
N GLN A 115 -32.83 -10.93 -3.59
CA GLN A 115 -33.36 -12.15 -4.21
C GLN A 115 -32.43 -13.34 -3.98
N LYS A 116 -31.12 -13.12 -4.08
CA LYS A 116 -30.17 -14.19 -3.85
C LYS A 116 -29.68 -14.23 -2.41
N ASN A 117 -30.25 -13.41 -1.53
CA ASN A 117 -29.81 -13.35 -0.14
C ASN A 117 -28.32 -13.04 -0.07
N GLY A 118 -27.84 -12.22 -0.99
CA GLY A 118 -26.42 -11.92 -1.01
C GLY A 118 -26.14 -10.48 -1.36
N ILE A 119 -25.03 -10.25 -2.07
CA ILE A 119 -24.64 -8.89 -2.47
C ILE A 119 -24.11 -8.91 -3.90
N LYS A 120 -24.03 -7.71 -4.46
CA LYS A 120 -23.32 -7.48 -5.71
C LYS A 120 -22.31 -6.38 -5.43
N ALA A 121 -21.27 -6.32 -6.24
CA ALA A 121 -20.28 -5.25 -6.09
C ALA A 121 -19.78 -4.84 -7.47
N ASN A 122 -19.36 -3.58 -7.58
CA ASN A 122 -18.88 -3.02 -8.83
C ASN A 122 -17.71 -2.09 -8.54
N PHE A 123 -16.68 -2.15 -9.37
CA PHE A 123 -15.56 -1.21 -9.27
C PHE A 123 -14.68 -1.40 -10.49
N THR A 124 -13.89 -0.36 -10.81
CA THR A 124 -12.97 -0.42 -11.95
C THR A 124 -11.56 -0.23 -11.44
N VAL A 125 -10.72 -1.26 -11.62
CA VAL A 125 -9.31 -1.22 -11.25
C VAL A 125 -8.52 -0.53 -12.35
N ARG A 126 -7.59 0.33 -11.95
CA ARG A 126 -6.65 0.98 -12.86
C ARG A 126 -5.28 0.35 -12.66
N HIS A 127 -4.85 -0.44 -13.64
CA HIS A 127 -3.52 -1.04 -13.62
C HIS A 127 -2.55 -0.07 -14.29
N ASN A 128 -1.43 0.21 -13.63
CA ASN A 128 -0.45 1.14 -14.18
C ASN A 128 0.38 0.43 -15.25
N VAL A 129 0.43 1.00 -16.46
CA VAL A 129 1.20 0.41 -17.55
C VAL A 129 2.59 1.03 -17.58
N GLU A 130 3.58 0.22 -18.00
CA GLU A 130 4.97 0.63 -17.93
C GLU A 130 5.27 1.89 -18.74
N ASP A 131 4.44 2.23 -19.72
CA ASP A 131 4.67 3.42 -20.54
C ASP A 131 3.96 4.65 -20.00
N GLY A 132 3.34 4.55 -18.82
CA GLY A 132 2.63 5.66 -18.25
C GLY A 132 1.15 5.68 -18.53
N SER A 133 0.67 4.78 -19.41
CA SER A 133 -0.76 4.71 -19.66
C SER A 133 -1.42 3.86 -18.60
N VAL A 134 -2.73 3.64 -18.73
CA VAL A 134 -3.50 2.91 -17.73
C VAL A 134 -4.24 1.79 -18.43
N GLN A 135 -4.38 0.66 -17.75
CA GLN A 135 -5.16 -0.47 -18.24
C GLN A 135 -6.32 -0.69 -17.26
N LEU A 136 -7.54 -0.46 -17.73
CA LEU A 136 -8.71 -0.61 -16.88
C LEU A 136 -9.14 -2.06 -16.79
N ALA A 137 -9.60 -2.46 -15.60
CA ALA A 137 -10.15 -3.80 -15.37
C ALA A 137 -11.47 -3.59 -14.65
N ASP A 138 -12.56 -3.66 -15.39
CA ASP A 138 -13.88 -3.37 -14.84
C ASP A 138 -14.45 -4.63 -14.19
N HIS A 139 -14.80 -4.53 -12.92
CA HIS A 139 -15.23 -5.67 -12.11
C HIS A 139 -16.73 -5.68 -11.88
N TYR A 140 -17.38 -6.78 -12.24
CA TYR A 140 -18.75 -7.08 -11.84
CA TYR A 140 -18.74 -7.08 -11.81
C TYR A 140 -18.68 -8.31 -10.94
N GLN A 141 -19.29 -8.21 -9.75
CA GLN A 141 -19.15 -9.24 -8.72
C GLN A 141 -20.51 -9.57 -8.09
N GLN A 142 -20.70 -10.86 -7.78
CA GLN A 142 -21.89 -11.29 -7.05
C GLN A 142 -21.48 -12.36 -6.04
N ASN A 143 -22.06 -12.29 -4.85
CA ASN A 143 -21.75 -13.23 -3.78
C ASN A 143 -23.05 -13.81 -3.26
N THR A 144 -23.09 -15.14 -3.13
N THR A 144 -23.10 -15.14 -3.14
CA THR A 144 -24.25 -15.83 -2.64
CA THR A 144 -24.27 -15.81 -2.62
C THR A 144 -23.87 -16.70 -1.46
C THR A 144 -23.87 -16.70 -1.46
N PRO A 145 -24.57 -16.62 -0.33
CA PRO A 145 -24.23 -17.46 0.82
C PRO A 145 -24.51 -18.92 0.50
N ILE A 146 -23.70 -19.79 1.07
CA ILE A 146 -23.87 -21.24 0.88
C ILE A 146 -24.84 -21.82 1.89
N GLY A 147 -24.78 -21.35 3.14
CA GLY A 147 -25.64 -21.87 4.18
C GLY A 147 -27.04 -21.30 4.12
N ASP A 148 -27.91 -21.91 4.93
CA ASP A 148 -29.33 -21.60 4.97
C ASP A 148 -29.68 -20.57 6.05
N GLY A 149 -28.76 -20.29 6.98
CA GLY A 149 -29.01 -19.39 8.07
C GLY A 149 -29.15 -17.95 7.64
N PRO A 150 -29.63 -17.09 8.53
CA PRO A 150 -29.75 -15.66 8.19
C PRO A 150 -28.39 -15.02 7.99
N VAL A 151 -28.33 -14.11 7.03
CA VAL A 151 -27.12 -13.33 6.75
C VAL A 151 -27.48 -11.86 6.91
N LEU A 152 -26.45 -11.02 6.95
CA LEU A 152 -26.66 -9.58 7.00
C LEU A 152 -26.68 -9.06 5.56
N LEU A 153 -27.78 -8.44 5.16
CA LEU A 153 -27.89 -7.82 3.86
C LEU A 153 -27.65 -6.32 4.04
N PRO A 154 -26.63 -5.75 3.40
CA PRO A 154 -26.21 -4.39 3.75
C PRO A 154 -26.94 -3.30 2.98
N ASP A 155 -26.95 -2.12 3.59
CA ASP A 155 -27.22 -0.89 2.85
C ASP A 155 -26.01 -0.60 1.95
N ASN A 156 -26.24 0.24 0.93
CA ASN A 156 -25.16 0.57 0.02
C ASN A 156 -23.98 1.13 0.79
N HIS A 157 -22.79 0.64 0.48
CA HIS A 157 -21.56 1.17 1.08
C HIS A 157 -20.39 0.76 0.20
N TYR A 158 -19.18 1.12 0.60
CA TYR A 158 -18.03 0.68 -0.17
C TYR A 158 -16.91 0.22 0.76
N LEU A 159 -15.96 -0.50 0.18
CA LEU A 159 -14.73 -0.90 0.85
C LEU A 159 -13.58 -0.13 0.23
N SER A 160 -12.78 0.53 1.06
N SER A 160 -12.76 0.53 1.05
CA SER A 160 -11.62 1.28 0.59
CA SER A 160 -11.28 1.74 1.61
CA SER A 160 -11.63 1.30 0.55
C SER A 160 -10.37 0.46 0.82
C SER A 160 -10.34 0.53 0.82
N THR A 161 -9.55 0.29 -0.22
CA THR A 161 -8.42 -0.61 -0.16
C THR A 161 -7.09 0.11 -0.29
N GLN A 162 -6.05 -0.52 0.27
CA GLN A 162 -4.65 -0.09 0.16
C GLN A 162 -3.80 -1.35 0.07
N THR A 163 -2.84 -1.38 -0.86
CA THR A 163 -2.11 -2.61 -1.15
C THR A 163 -0.65 -2.31 -1.44
N VAL A 164 0.24 -3.17 -0.93
N VAL A 164 0.25 -3.18 -0.95
CA VAL A 164 1.65 -3.16 -1.30
CA VAL A 164 1.66 -3.13 -1.31
C VAL A 164 2.01 -4.53 -1.85
C VAL A 164 2.09 -4.51 -1.80
N LEU A 165 2.77 -4.55 -2.94
CA LEU A 165 3.25 -5.79 -3.54
C LEU A 165 4.77 -5.84 -3.47
N SER A 166 5.31 -7.01 -3.09
CA SER A 166 6.75 -7.10 -2.93
C SER A 166 7.21 -8.52 -3.28
N LYS A 167 8.47 -8.78 -3.01
CA LYS A 167 9.10 -10.06 -3.35
C LYS A 167 9.83 -10.62 -2.15
N ASP A 168 9.93 -11.95 -2.12
CA ASP A 168 10.70 -12.66 -1.12
C ASP A 168 12.09 -12.87 -1.71
N PRO A 169 13.14 -12.23 -1.18
CA PRO A 169 14.45 -12.32 -1.84
C PRO A 169 15.00 -13.74 -1.89
N ASN A 170 14.46 -14.65 -1.10
CA ASN A 170 14.94 -16.02 -1.07
C ASN A 170 14.03 -16.98 -1.81
N GLU A 171 13.08 -16.47 -2.58
CA GLU A 171 12.10 -17.29 -3.29
C GLU A 171 12.46 -17.33 -4.77
N LYS A 172 12.82 -18.52 -5.26
CA LYS A 172 13.19 -18.67 -6.66
C LYS A 172 11.96 -18.80 -7.57
N ARG A 173 10.84 -19.30 -7.05
CA ARG A 173 9.67 -19.45 -7.89
C ARG A 173 9.01 -18.10 -8.16
N ASP A 174 8.30 -18.02 -9.27
CA ASP A 174 7.46 -16.85 -9.53
C ASP A 174 6.44 -16.71 -8.41
N HIS A 175 6.34 -15.52 -7.84
CA HIS A 175 5.59 -15.37 -6.61
C HIS A 175 5.22 -13.91 -6.41
N MET A 176 4.33 -13.69 -5.44
CA MET A 176 3.93 -12.34 -5.05
C MET A 176 3.72 -12.30 -3.55
N VAL A 177 4.39 -11.35 -2.88
CA VAL A 177 4.13 -11.06 -1.47
C VAL A 177 3.17 -9.89 -1.44
N LEU A 178 2.10 -10.03 -0.67
CA LEU A 178 1.03 -9.03 -0.67
C LEU A 178 0.71 -8.61 0.76
N LEU A 179 0.57 -7.29 0.96
CA LEU A 179 0.05 -6.75 2.20
C LEU A 179 -1.07 -5.80 1.82
N GLU A 180 -2.23 -5.97 2.47
CA GLU A 180 -3.44 -5.27 2.06
C GLU A 180 -4.20 -4.81 3.30
N PHE A 181 -4.72 -3.58 3.27
CA PHE A 181 -5.60 -3.05 4.32
C PHE A 181 -6.90 -2.60 3.67
N VAL A 182 -8.03 -3.05 4.21
CA VAL A 182 -9.33 -2.70 3.65
C VAL A 182 -10.26 -2.27 4.78
N THR A 183 -10.90 -1.11 4.62
CA THR A 183 -11.86 -0.62 5.59
C THR A 183 -13.17 -0.26 4.90
N ALA A 184 -14.28 -0.59 5.54
CA ALA A 184 -15.60 -0.23 5.01
C ALA A 184 -15.96 1.20 5.38
N ALA A 185 -16.76 1.83 4.53
CA ALA A 185 -17.09 3.24 4.70
C ALA A 185 -18.36 3.54 3.91
N GLY A 186 -18.85 4.76 4.05
CA GLY A 186 -19.95 5.22 3.23
C GLY A 186 -21.34 5.10 3.83
N ILE A 187 -21.45 4.79 5.12
CA ILE A 187 -22.74 4.71 5.80
C ILE A 187 -22.68 5.59 7.03
N GLY A 200 -20.47 -4.95 20.63
CA GLY A 200 -21.17 -6.21 20.45
C GLY A 200 -21.15 -6.67 19.02
N SER A 201 -21.27 -7.98 18.81
CA SER A 201 -21.22 -8.55 17.46
C SER A 201 -22.59 -8.48 16.80
N ALA A 202 -22.58 -8.20 15.49
CA ALA A 202 -23.82 -8.14 14.71
C ALA A 202 -24.18 -9.47 14.09
N SER A 203 -23.27 -10.43 14.06
CA SER A 203 -23.56 -11.78 13.59
C SER A 203 -22.66 -12.76 14.34
N GLN A 204 -23.07 -14.03 14.30
CA GLN A 204 -22.24 -15.07 14.87
C GLN A 204 -20.95 -15.23 14.08
N GLY A 205 -21.05 -15.20 12.75
CA GLY A 205 -19.88 -15.34 11.91
C GLY A 205 -18.82 -14.29 12.19
N GLU A 206 -19.24 -13.06 12.52
CA GLU A 206 -18.30 -12.01 12.83
C GLU A 206 -17.30 -12.46 13.88
N GLU A 207 -17.76 -13.24 14.86
CA GLU A 207 -16.91 -13.60 15.99
C GLU A 207 -15.83 -14.61 15.61
N LEU A 208 -15.94 -15.25 14.44
CA LEU A 208 -14.87 -16.11 13.97
C LEU A 208 -13.65 -15.33 13.51
N PHE A 209 -13.71 -14.00 13.44
CA PHE A 209 -12.61 -13.20 12.93
C PHE A 209 -11.95 -12.34 13.99
N THR A 210 -12.22 -12.59 15.27
CA THR A 210 -11.76 -11.69 16.33
C THR A 210 -10.24 -11.67 16.47
N GLY A 211 -9.56 -12.77 16.15
CA GLY A 211 -8.11 -12.72 16.24
C GLY A 211 -7.39 -12.76 14.90
N VAL A 212 -6.20 -13.33 14.85
CA VAL A 212 -5.48 -13.52 13.58
C VAL A 212 -5.86 -14.90 13.04
N VAL A 213 -6.25 -14.97 11.77
CA VAL A 213 -6.83 -16.16 11.18
C VAL A 213 -5.95 -16.63 10.04
N PRO A 214 -5.52 -17.89 10.00
CA PRO A 214 -4.73 -18.39 8.86
C PRO A 214 -5.58 -18.46 7.60
N ILE A 215 -4.94 -18.25 6.45
CA ILE A 215 -5.61 -18.20 5.16
C ILE A 215 -4.93 -19.14 4.17
N LEU A 216 -5.72 -19.85 3.38
CA LEU A 216 -5.24 -20.66 2.26
C LEU A 216 -5.96 -20.22 1.00
N VAL A 217 -5.22 -19.97 -0.07
CA VAL A 217 -5.79 -19.59 -1.36
C VAL A 217 -5.29 -20.56 -2.41
N GLU A 218 -6.22 -21.12 -3.19
CA GLU A 218 -5.87 -22.01 -4.30
C GLU A 218 -6.59 -21.54 -5.56
N LEU A 219 -5.83 -21.28 -6.62
N LEU A 219 -5.83 -21.30 -6.62
CA LEU A 219 -6.42 -20.82 -7.87
CA LEU A 219 -6.36 -20.80 -7.89
C LEU A 219 -5.95 -21.71 -9.01
C LEU A 219 -5.93 -21.72 -9.02
N ASP A 220 -6.89 -22.18 -9.82
CA ASP A 220 -6.62 -22.89 -11.07
C ASP A 220 -7.10 -21.99 -12.20
N GLY A 221 -6.20 -21.65 -13.11
CA GLY A 221 -6.52 -20.70 -14.16
C GLY A 221 -6.21 -21.21 -15.55
N ASP A 222 -6.88 -20.59 -16.52
CA ASP A 222 -6.66 -20.86 -17.94
C ASP A 222 -6.97 -19.55 -18.63
N VAL A 223 -5.97 -18.92 -19.24
CA VAL A 223 -6.14 -17.65 -19.94
C VAL A 223 -5.70 -17.86 -21.38
N ASN A 224 -6.65 -17.80 -22.31
CA ASN A 224 -6.37 -18.05 -23.72
C ASN A 224 -5.69 -19.39 -23.90
N GLY A 225 -6.02 -20.36 -23.05
CA GLY A 225 -5.46 -21.69 -23.13
C GLY A 225 -4.15 -21.88 -22.37
N HIS A 226 -3.60 -20.81 -21.80
CA HIS A 226 -2.40 -20.91 -20.98
C HIS A 226 -2.82 -21.30 -19.58
N LYS A 227 -2.49 -22.52 -19.16
CA LYS A 227 -2.93 -23.02 -17.86
C LYS A 227 -1.89 -22.73 -16.80
N PHE A 228 -2.37 -22.44 -15.59
CA PHE A 228 -1.50 -22.11 -14.47
C PHE A 228 -2.27 -22.32 -13.17
N SER A 229 -1.52 -22.42 -12.07
CA SER A 229 -2.10 -22.54 -10.74
CA SER A 229 -2.14 -22.49 -10.76
C SER A 229 -1.34 -21.62 -9.79
N VAL A 230 -2.03 -21.16 -8.76
CA VAL A 230 -1.42 -20.34 -7.71
C VAL A 230 -1.86 -20.88 -6.36
N ARG A 231 -0.92 -20.96 -5.42
CA ARG A 231 -1.23 -21.26 -4.02
CA ARG A 231 -1.25 -21.26 -4.03
C ARG A 231 -0.72 -20.14 -3.15
N GLY A 232 -1.55 -19.68 -2.22
CA GLY A 232 -1.17 -18.62 -1.31
C GLY A 232 -1.43 -19.05 0.12
N GLU A 233 -0.58 -18.58 1.03
CA GLU A 233 -0.77 -18.83 2.46
C GLU A 233 -0.43 -17.57 3.22
N GLY A 234 -1.12 -17.37 4.33
CA GLY A 234 -0.83 -16.20 5.16
C GLY A 234 -1.86 -16.09 6.27
N GLU A 235 -2.17 -14.86 6.63
CA GLU A 235 -3.11 -14.64 7.72
C GLU A 235 -3.85 -13.33 7.53
N GLY A 236 -5.02 -13.25 8.16
CA GLY A 236 -5.82 -12.03 8.12
C GLY A 236 -6.19 -11.60 9.53
N ASP A 237 -6.27 -10.28 9.71
CA ASP A 237 -6.62 -9.68 11.00
C ASP A 237 -7.73 -8.65 10.72
N ALA A 238 -8.99 -9.10 10.77
CA ALA A 238 -10.12 -8.26 10.38
C ALA A 238 -10.31 -7.07 11.31
N THR A 239 -9.81 -7.16 12.54
CA THR A 239 -9.94 -6.04 13.47
C THR A 239 -9.25 -4.80 12.93
N ILE A 240 -8.17 -4.97 12.18
CA ILE A 240 -7.47 -3.85 11.55
C ILE A 240 -7.57 -3.91 10.03
N GLY A 241 -8.36 -4.83 9.49
CA GLY A 241 -8.55 -4.96 8.06
C GLY A 241 -7.33 -5.43 7.29
N LYS A 242 -6.45 -6.21 7.92
CA LYS A 242 -5.15 -6.52 7.34
C LYS A 242 -5.08 -7.94 6.76
N LEU A 243 -4.50 -8.05 5.56
CA LEU A 243 -4.14 -9.33 4.96
C LEU A 243 -2.64 -9.36 4.69
N THR A 244 -2.01 -10.48 5.01
N THR A 244 -1.99 -10.46 5.04
CA THR A 244 -0.60 -10.69 4.70
CA THR A 244 -0.59 -10.66 4.67
C THR A 244 -0.46 -12.08 4.11
C THR A 244 -0.48 -12.07 4.10
N LEU A 245 -0.07 -12.15 2.84
CA LEU A 245 -0.06 -13.42 2.13
C LEU A 245 1.15 -13.49 1.20
N LYS A 246 1.63 -14.72 0.98
CA LYS A 246 2.60 -14.99 -0.08
C LYS A 246 1.99 -15.99 -1.04
N PHE A 247 2.00 -15.65 -2.32
CA PHE A 247 1.45 -16.48 -3.39
C PHE A 247 2.59 -17.02 -4.24
N ILE A 248 2.52 -18.30 -4.62
N ILE A 248 2.49 -18.31 -4.57
CA ILE A 248 3.51 -18.86 -5.52
CA ILE A 248 3.48 -19.01 -5.36
C ILE A 248 2.81 -19.49 -6.71
C ILE A 248 2.79 -19.66 -6.55
N SER A 249 3.44 -19.36 -7.88
N SER A 249 3.45 -19.34 -7.94
CA SER A 249 3.04 -20.16 -9.03
CA SER A 249 2.78 -19.30 -9.61
CA SER A 249 2.91 -20.12 -9.05
C SER A 249 3.31 -21.63 -8.73
C SER A 249 3.31 -21.60 -8.93
N THR A 250 2.30 -22.48 -8.91
CA THR A 250 2.48 -23.91 -8.75
C THR A 250 2.23 -24.64 -10.06
N LYS B 12 -5.64 15.85 18.52
CA LYS B 12 -5.44 15.59 17.11
C LYS B 12 -4.46 16.58 16.49
N LEU B 13 -3.67 16.09 15.52
CA LEU B 13 -2.76 16.95 14.78
C LEU B 13 -3.56 18.02 14.02
N PRO B 14 -2.97 19.20 13.83
CA PRO B 14 -3.66 20.24 13.06
C PRO B 14 -3.66 19.97 11.57
N VAL B 15 -2.91 18.96 11.10
CA VAL B 15 -2.85 18.64 9.68
C VAL B 15 -3.10 17.14 9.53
N PRO B 16 -3.53 16.70 8.35
CA PRO B 16 -3.76 15.27 8.13
C PRO B 16 -2.44 14.50 8.08
N TRP B 17 -2.47 13.29 8.65
CA TRP B 17 -1.28 12.45 8.64
C TRP B 17 -0.71 12.26 7.24
N PRO B 18 -1.51 12.03 6.20
CA PRO B 18 -0.92 11.82 4.87
C PRO B 18 -0.03 12.97 4.41
N THR B 19 -0.29 14.21 4.84
CA THR B 19 0.54 15.33 4.40
C THR B 19 1.92 15.33 5.06
N LEU B 20 2.13 14.50 6.09
CA LEU B 20 3.41 14.43 6.79
C LEU B 20 4.24 13.21 6.39
N VAL B 21 3.70 12.33 5.57
CA VAL B 21 4.38 11.07 5.25
C VAL B 21 5.76 11.34 4.68
N THR B 22 5.85 12.20 3.66
CA THR B 22 7.15 12.41 3.01
C THR B 22 8.15 13.06 3.97
N THR B 23 7.69 13.87 4.92
CA THR B 23 8.62 14.50 5.85
C THR B 23 9.13 13.49 6.88
N LEU B 24 8.24 12.65 7.38
CA LEU B 24 8.60 11.65 8.40
C LEU B 24 9.44 10.52 7.81
CB1 B2C B 25 9.01 7.73 5.69
CB2 B2C B 25 10.12 10.25 1.08
CG1 B2C B 25 8.51 7.21 7.03
OG1 B2C B 25 7.88 7.98 4.87
CG2 B2C B 25 9.04 9.83 0.27
CD1 B2C B 25 8.16 8.71 0.69
CD2 B2C B 25 8.72 10.47 -1.01
CE1 B2C B 25 7.10 8.32 -0.11
CE2 B2C B 25 7.65 10.07 -1.82
CZ B2C B 25 6.77 8.95 -1.41
OH B2C B 25 5.80 8.53 -2.10
BR B2C B 25 6.02 6.88 0.44
C1 B2C B 25 10.22 9.62 4.54
C2 B2C B 25 11.45 10.87 3.07
C3 B2C B 25 13.45 10.27 5.71
CA1 B2C B 25 9.85 9.04 5.85
CA2 B2C B 25 10.34 10.13 2.43
CA3 B2C B 25 12.18 10.95 5.54
N1 B2C B 25 9.09 10.02 6.56
N2 B2C B 25 9.64 9.38 3.38
N3 B2C B 25 11.33 10.52 4.44
O2 B2C B 25 12.28 11.64 2.60
O3 B2C B 25 14.44 10.91 6.10
N VAL B 26 13.37 8.93 5.39
CA VAL B 26 14.58 8.15 5.68
C VAL B 26 14.89 7.31 4.44
N GLN B 27 15.19 8.03 3.35
CA GLN B 27 15.36 7.39 2.04
C GLN B 27 16.61 6.53 1.95
N CYS B 28 17.43 6.50 3.00
CA CYS B 28 18.51 5.54 3.11
C CYS B 28 17.98 4.11 3.23
N PHE B 29 16.67 3.91 3.46
CA PHE B 29 16.12 2.57 3.51
C PHE B 29 15.55 2.12 2.18
N SER B 30 15.72 2.94 1.12
CA SER B 30 15.32 2.49 -0.21
C SER B 30 16.13 1.27 -0.61
N ARG B 31 15.50 0.39 -1.39
CA ARG B 31 16.23 -0.74 -1.98
C ARG B 31 16.91 -0.29 -3.26
N TYR B 32 18.24 -0.28 -3.25
CA TYR B 32 18.98 -0.04 -4.48
C TYR B 32 19.41 -1.38 -5.06
N PRO B 33 18.92 -1.76 -6.25
CA PRO B 33 19.36 -3.01 -6.86
C PRO B 33 20.88 -3.04 -7.01
N ASP B 34 21.43 -4.25 -7.03
CA ASP B 34 22.88 -4.39 -7.04
C ASP B 34 23.53 -3.52 -8.12
N HIS B 35 22.96 -3.51 -9.33
CA HIS B 35 23.57 -2.77 -10.42
C HIS B 35 23.46 -1.26 -10.25
N MET B 36 22.73 -0.78 -9.23
CA MET B 36 22.60 0.64 -8.95
C MET B 36 23.22 1.04 -7.63
N LYS B 37 23.91 0.12 -6.95
CA LYS B 37 24.42 0.43 -5.62
C LYS B 37 25.38 1.61 -5.61
N ARG B 38 26.06 1.87 -6.73
CA ARG B 38 26.95 3.03 -6.73
C ARG B 38 26.23 4.35 -6.89
N HIS B 39 24.90 4.34 -6.96
CA HIS B 39 24.12 5.57 -7.08
C HIS B 39 23.37 5.88 -5.79
N ASP B 40 23.68 5.17 -4.71
CA ASP B 40 22.97 5.31 -3.44
C ASP B 40 23.69 6.34 -2.58
N PHE B 41 23.35 7.62 -2.80
CA PHE B 41 23.93 8.67 -1.98
C PHE B 41 23.54 8.52 -0.51
N PHE B 42 22.28 8.18 -0.26
CA PHE B 42 21.74 8.22 1.11
C PHE B 42 22.56 7.33 2.04
N LYS B 43 22.79 6.08 1.66
CA LYS B 43 23.56 5.21 2.54
C LYS B 43 25.03 5.61 2.60
N SER B 44 25.58 6.15 1.51
CA SER B 44 27.01 6.46 1.52
C SER B 44 27.34 7.59 2.50
N ALA B 45 26.36 8.43 2.84
CA ALA B 45 26.56 9.52 3.77
C ALA B 45 26.57 9.07 5.23
N MET B 46 26.25 7.81 5.49
CA MET B 46 26.18 7.24 6.83
C MET B 46 27.55 6.72 7.25
N PRO B 47 27.84 6.68 8.58
CA PRO B 47 26.89 6.98 9.65
C PRO B 47 26.73 8.46 10.00
N GLU B 48 27.62 9.34 9.48
CA GLU B 48 27.54 10.74 9.88
C GLU B 48 26.22 11.39 9.46
N GLY B 49 25.65 10.97 8.34
CA GLY B 49 24.32 11.37 7.93
C GLY B 49 24.31 12.53 6.96
N TYR B 50 23.11 13.06 6.74
CA TYR B 50 22.88 14.16 5.81
C TYR B 50 21.79 15.07 6.35
N VAL B 51 21.75 16.28 5.82
CA VAL B 51 20.68 17.23 6.07
C VAL B 51 19.73 17.18 4.89
N GLN B 52 18.43 17.03 5.17
CA GLN B 52 17.39 17.00 4.15
C GLN B 52 16.47 18.19 4.37
N GLU B 53 16.33 19.03 3.34
CA GLU B 53 15.47 20.20 3.39
C GLU B 53 14.44 20.13 2.28
N ARG B 54 13.21 20.55 2.58
CA ARG B 54 12.19 20.61 1.56
C ARG B 54 11.36 21.87 1.69
N THR B 55 10.80 22.27 0.55
CA THR B 55 9.61 23.09 0.51
C THR B 55 8.52 22.23 -0.11
N ILE B 56 7.36 22.14 0.55
CA ILE B 56 6.22 21.41 0.03
C ILE B 56 5.10 22.43 -0.16
N SER B 57 4.72 22.70 -1.40
CA SER B 57 3.71 23.68 -1.70
CA SER B 57 3.71 23.68 -1.72
C SER B 57 2.40 22.99 -2.06
N PHE B 58 1.37 23.20 -1.24
CA PHE B 58 0.06 22.63 -1.50
C PHE B 58 -0.70 23.56 -2.44
N LYS B 59 -1.08 23.02 -3.58
CA LYS B 59 -1.72 23.85 -4.59
C LYS B 59 -2.96 24.54 -4.02
N ASP B 60 -3.07 25.83 -4.29
CA ASP B 60 -4.18 26.65 -3.80
C ASP B 60 -4.24 26.71 -2.29
N ASP B 61 -3.12 26.46 -1.60
CA ASP B 61 -3.12 26.44 -0.15
C ASP B 61 -1.72 26.81 0.33
N GLY B 62 -1.37 26.41 1.55
CA GLY B 62 -0.14 26.85 2.19
C GLY B 62 1.07 26.00 1.79
N LYS B 63 2.16 26.19 2.55
CA LYS B 63 3.38 25.43 2.28
C LYS B 63 4.00 24.97 3.60
N TYR B 64 4.74 23.89 3.51
CA TYR B 64 5.58 23.41 4.58
C TYR B 64 7.05 23.66 4.17
N LYS B 65 7.87 24.09 5.11
CA LYS B 65 9.31 24.20 4.93
C LYS B 65 9.89 23.29 6.01
N THR B 66 10.72 22.33 5.62
CA THR B 66 11.24 21.34 6.57
C THR B 66 12.76 21.30 6.52
N ARG B 67 13.36 21.01 7.68
CA ARG B 67 14.78 20.74 7.78
C ARG B 67 14.95 19.53 8.67
N ALA B 68 15.73 18.55 8.23
CA ALA B 68 15.90 17.32 8.99
C ALA B 68 17.36 16.92 9.00
N VAL B 69 17.77 16.30 10.09
CA VAL B 69 19.06 15.62 10.18
C VAL B 69 18.79 14.12 10.24
N VAL B 70 19.38 13.36 9.31
CA VAL B 70 19.25 11.91 9.27
C VAL B 70 20.64 11.34 9.47
N LYS B 71 20.81 10.55 10.54
CA LYS B 71 22.12 9.97 10.85
C LYS B 71 21.95 8.83 11.85
N PHE B 72 23.03 8.07 12.03
CA PHE B 72 23.04 7.01 13.03
C PHE B 72 23.36 7.60 14.40
N GLU B 73 22.67 7.10 15.41
CA GLU B 73 22.95 7.42 16.82
C GLU B 73 23.03 6.04 17.47
N GLY B 74 24.24 5.59 17.76
CA GLY B 74 24.40 4.21 18.17
C GLY B 74 23.94 3.32 17.02
N ASP B 75 23.13 2.31 17.34
CA ASP B 75 22.66 1.37 16.34
C ASP B 75 21.38 1.80 15.66
N THR B 76 20.87 3.00 15.97
CA THR B 76 19.56 3.45 15.51
C THR B 76 19.72 4.53 14.46
N LEU B 77 18.97 4.42 13.37
CA LEU B 77 18.90 5.46 12.36
C LEU B 77 17.85 6.47 12.81
N VAL B 78 18.26 7.72 13.00
CA VAL B 78 17.41 8.75 13.60
C VAL B 78 17.16 9.87 12.59
N ASN B 79 15.91 10.30 12.52
CA ASN B 79 15.47 11.38 11.64
C ASN B 79 14.88 12.46 12.53
N ARG B 80 15.58 13.58 12.68
CA ARG B 80 15.18 14.68 13.55
C ARG B 80 14.73 15.83 12.66
N ILE B 81 13.47 16.25 12.80
CA ILE B 81 12.85 17.15 11.83
C ILE B 81 12.29 18.37 12.54
N GLU B 82 12.43 19.53 11.90
CA GLU B 82 11.66 20.73 12.22
C GLU B 82 10.83 21.12 11.00
N LEU B 83 9.55 21.43 11.22
CA LEU B 83 8.62 21.76 10.13
C LEU B 83 7.90 23.06 10.45
N LYS B 84 7.84 23.97 9.47
CA LYS B 84 7.09 25.21 9.63
C LYS B 84 6.11 25.34 8.48
N GLY B 85 4.83 25.40 8.81
CA GLY B 85 3.76 25.54 7.82
C GLY B 85 3.16 26.94 7.92
N THR B 86 2.94 27.56 6.75
CA THR B 86 2.47 28.95 6.70
C THR B 86 1.42 29.09 5.61
N ASP B 87 0.54 30.08 5.79
CA ASP B 87 -0.40 30.50 4.75
C ASP B 87 -1.41 29.42 4.37
N PHE B 88 -1.74 28.53 5.31
CA PHE B 88 -2.81 27.59 5.06
C PHE B 88 -4.17 28.22 5.26
N LYS B 89 -5.14 27.72 4.51
CA LYS B 89 -6.51 28.20 4.60
C LYS B 89 -7.25 27.38 5.65
N GLU B 90 -7.88 28.07 6.62
CA GLU B 90 -8.46 27.37 7.75
C GLU B 90 -9.52 26.36 7.30
N ASP B 91 -10.17 26.60 6.17
CA ASP B 91 -11.19 25.68 5.65
C ASP B 91 -10.73 24.96 4.38
N GLY B 92 -9.43 24.94 4.12
CA GLY B 92 -8.90 24.20 3.00
C GLY B 92 -8.83 22.72 3.31
N ASN B 93 -8.22 21.97 2.39
CA ASN B 93 -8.16 20.52 2.55
C ASN B 93 -7.24 20.09 3.68
N ILE B 94 -6.26 20.91 4.05
CA ILE B 94 -5.26 20.52 5.04
C ILE B 94 -5.76 20.87 6.44
N LEU B 95 -5.92 22.16 6.74
CA LEU B 95 -6.42 22.50 8.07
C LEU B 95 -7.86 22.04 8.28
N GLY B 96 -8.62 21.85 7.20
CA GLY B 96 -9.96 21.31 7.29
C GLY B 96 -10.04 19.80 7.38
N HIS B 97 -8.92 19.08 7.30
CA HIS B 97 -8.90 17.63 7.42
C HIS B 97 -9.86 16.99 6.42
N LYS B 98 -9.66 17.29 5.14
CA LYS B 98 -10.51 16.79 4.07
C LYS B 98 -9.82 15.74 3.21
N LEU B 99 -8.70 15.21 3.65
CA LEU B 99 -7.91 14.25 2.88
C LEU B 99 -8.15 12.82 3.36
N GLU B 100 -8.25 11.89 2.42
CA GLU B 100 -8.42 10.48 2.76
C GLU B 100 -7.16 9.93 3.41
N TYR B 101 -7.35 8.90 4.23
CA TYR B 101 -6.27 8.26 4.98
C TYR B 101 -5.66 7.13 4.14
N ASN B 102 -4.89 7.53 3.13
CA ASN B 102 -4.15 6.62 2.26
C ASN B 102 -3.04 7.41 1.59
N PHE B 103 -2.28 6.74 0.73
CA PHE B 103 -1.10 7.39 0.14
C PHE B 103 -0.76 6.69 -1.15
N ASN B 104 -0.84 7.42 -2.27
CA ASN B 104 -0.63 6.85 -3.59
C ASN B 104 0.84 6.57 -3.86
N SER B 105 1.09 5.74 -4.86
CA SER B 105 2.47 5.53 -5.28
C SER B 105 3.05 6.79 -5.91
N ASP B 106 4.35 6.97 -5.71
CA ASP B 106 5.11 8.09 -6.30
C ASP B 106 6.34 7.53 -6.99
N ASN B 107 6.82 8.28 -7.98
CA ASN B 107 8.19 8.18 -8.47
C ASN B 107 8.92 9.46 -8.07
N VAL B 108 9.95 9.31 -7.25
CA VAL B 108 10.75 10.44 -6.78
C VAL B 108 11.99 10.53 -7.66
N TYR B 109 12.10 11.60 -8.45
CA TYR B 109 13.20 11.71 -9.39
C TYR B 109 14.40 12.37 -8.72
N ILE B 110 15.54 11.69 -8.74
N ILE B 110 15.53 11.68 -8.74
CA ILE B 110 16.74 12.11 -8.02
CA ILE B 110 16.76 12.08 -8.06
C ILE B 110 17.78 12.56 -9.04
C ILE B 110 17.75 12.59 -9.08
N THR B 111 18.44 13.69 -8.77
CA THR B 111 19.54 14.16 -9.58
C THR B 111 20.66 14.57 -8.65
N ALA B 112 21.88 14.50 -9.14
CA ALA B 112 23.01 14.90 -8.33
C ALA B 112 23.05 16.41 -8.23
N ASP B 113 23.56 16.90 -7.11
CA ASP B 113 23.86 18.32 -6.96
C ASP B 113 25.35 18.37 -6.64
N LYS B 114 26.17 18.30 -7.69
CA LYS B 114 27.61 18.22 -7.51
C LYS B 114 28.14 19.43 -6.76
N GLN B 115 27.50 20.59 -6.96
CA GLN B 115 27.95 21.81 -6.30
C GLN B 115 27.91 21.66 -4.78
N LYS B 116 26.84 21.08 -4.26
CA LYS B 116 26.67 20.89 -2.82
C LYS B 116 27.14 19.51 -2.35
N ASN B 117 27.73 18.71 -3.24
CA ASN B 117 28.17 17.36 -2.89
C ASN B 117 27.02 16.50 -2.37
N GLY B 118 25.82 16.70 -2.92
CA GLY B 118 24.66 15.96 -2.48
C GLY B 118 23.72 15.60 -3.61
N ILE B 119 22.41 15.62 -3.33
CA ILE B 119 21.39 15.34 -4.33
C ILE B 119 20.24 16.33 -4.17
N LYS B 120 19.40 16.39 -5.20
CA LYS B 120 18.13 17.11 -5.15
C LYS B 120 17.04 16.24 -5.74
N ALA B 121 15.81 16.54 -5.38
CA ALA B 121 14.68 15.79 -5.93
C ALA B 121 13.50 16.72 -6.12
N ASN B 122 12.66 16.38 -7.10
CA ASN B 122 11.46 17.11 -7.42
C ASN B 122 10.37 16.07 -7.67
N PHE B 123 9.18 16.31 -7.11
CA PHE B 123 8.09 15.40 -7.37
C PHE B 123 6.81 16.00 -6.81
N THR B 124 5.68 15.52 -7.31
CA THR B 124 4.38 15.99 -6.86
C THR B 124 3.62 14.82 -6.24
N VAL B 125 3.25 14.98 -4.98
CA VAL B 125 2.36 14.05 -4.29
C VAL B 125 0.92 14.44 -4.60
N ARG B 126 0.09 13.44 -4.88
CA ARG B 126 -1.34 13.59 -5.13
C ARG B 126 -2.08 13.05 -3.92
N HIS B 127 -2.64 13.94 -3.10
CA HIS B 127 -3.44 13.51 -1.95
C HIS B 127 -4.89 13.36 -2.37
N ASN B 128 -5.51 12.25 -1.98
CA ASN B 128 -6.92 12.04 -2.31
C ASN B 128 -7.83 12.84 -1.39
N VAL B 129 -8.73 13.66 -1.97
CA VAL B 129 -9.67 14.49 -1.22
C VAL B 129 -10.98 13.73 -1.05
N GLU B 130 -11.67 14.03 0.05
CA GLU B 130 -12.89 13.30 0.42
C GLU B 130 -14.00 13.40 -0.62
N ASP B 131 -13.99 14.41 -1.48
CA ASP B 131 -15.04 14.53 -2.49
C ASP B 131 -14.68 13.82 -3.78
N GLY B 132 -13.57 13.09 -3.81
CA GLY B 132 -13.17 12.41 -5.02
C GLY B 132 -12.17 13.18 -5.87
N SER B 133 -11.88 14.44 -5.54
CA SER B 133 -10.87 15.20 -6.26
C SER B 133 -9.49 14.96 -5.62
N VAL B 134 -8.47 15.67 -6.08
CA VAL B 134 -7.11 15.48 -5.60
C VAL B 134 -6.51 16.82 -5.20
N GLN B 135 -5.65 16.77 -4.18
CA GLN B 135 -4.91 17.92 -3.67
C GLN B 135 -3.43 17.69 -3.98
N LEU B 136 -2.86 18.54 -4.83
CA LEU B 136 -1.47 18.38 -5.22
C LEU B 136 -0.56 19.00 -4.17
N ALA B 137 0.59 18.34 -3.94
CA ALA B 137 1.62 18.87 -3.05
C ALA B 137 2.96 18.79 -3.77
N ASP B 138 3.47 19.93 -4.25
CA ASP B 138 4.72 19.94 -5.00
C ASP B 138 5.91 19.95 -4.05
N HIS B 139 6.82 18.97 -4.20
CA HIS B 139 7.97 18.82 -3.31
C HIS B 139 9.23 19.30 -4.01
N TYR B 140 10.02 20.13 -3.31
CA TYR B 140 11.33 20.57 -3.75
C TYR B 140 12.30 20.18 -2.64
N GLN B 141 13.28 19.33 -2.97
CA GLN B 141 14.09 18.68 -1.96
C GLN B 141 15.58 18.80 -2.25
N GLN B 142 16.38 18.99 -1.21
CA GLN B 142 17.84 18.97 -1.34
C GLN B 142 18.44 18.27 -0.13
N ASN B 143 19.49 17.48 -0.39
CA ASN B 143 20.18 16.73 0.65
C ASN B 143 21.67 17.03 0.57
N THR B 144 22.27 17.33 1.74
CA THR B 144 23.69 17.65 1.86
C THR B 144 24.32 16.74 2.91
N PRO B 145 25.47 16.14 2.61
CA PRO B 145 26.14 15.31 3.62
C PRO B 145 26.62 16.14 4.80
N ILE B 146 26.62 15.52 5.97
CA ILE B 146 27.12 16.17 7.18
C ILE B 146 28.61 15.97 7.34
N GLY B 147 29.11 14.76 7.06
CA GLY B 147 30.51 14.49 7.19
C GLY B 147 31.31 14.97 5.99
N ASP B 148 32.62 14.91 6.14
CA ASP B 148 33.53 15.36 5.09
C ASP B 148 33.99 14.24 4.18
N GLY B 149 33.74 12.99 4.54
CA GLY B 149 34.19 11.86 3.76
C GLY B 149 33.49 11.80 2.42
N PRO B 150 34.03 11.01 1.50
CA PRO B 150 33.43 10.92 0.17
C PRO B 150 32.07 10.25 0.20
N VAL B 151 31.17 10.76 -0.64
CA VAL B 151 29.85 10.18 -0.82
C VAL B 151 29.70 9.80 -2.28
N LEU B 152 28.66 9.03 -2.57
CA LEU B 152 28.33 8.64 -3.93
C LEU B 152 27.38 9.68 -4.52
N LEU B 153 27.79 10.29 -5.63
CA LEU B 153 26.91 11.20 -6.35
C LEU B 153 26.27 10.45 -7.50
N PRO B 154 24.95 10.39 -7.58
CA PRO B 154 24.30 9.47 -8.51
C PRO B 154 24.07 10.07 -9.90
N ASP B 155 23.94 9.16 -10.86
CA ASP B 155 23.31 9.48 -12.13
C ASP B 155 21.80 9.64 -11.90
N ASN B 156 21.14 10.29 -12.86
CA ASN B 156 19.69 10.48 -12.74
C ASN B 156 18.98 9.13 -12.58
N HIS B 157 18.07 9.05 -11.62
CA HIS B 157 17.27 7.85 -11.43
C HIS B 157 16.05 8.24 -10.62
N TYR B 158 15.22 7.26 -10.29
CA TYR B 158 14.08 7.58 -9.44
C TYR B 158 13.86 6.50 -8.39
N LEU B 159 13.09 6.87 -7.37
CA LEU B 159 12.63 5.95 -6.33
C LEU B 159 11.13 5.75 -6.53
N SER B 160 10.71 4.48 -6.60
N SER B 160 10.71 4.48 -6.55
CA SER B 160 9.30 4.13 -6.74
CA SER B 160 9.31 4.11 -6.75
C SER B 160 8.79 3.64 -5.40
C SER B 160 8.75 3.58 -5.44
N THR B 161 7.65 4.17 -4.96
CA THR B 161 7.15 3.92 -3.62
C THR B 161 5.77 3.25 -3.61
N GLN B 162 5.52 2.53 -2.53
CA GLN B 162 4.21 1.94 -2.21
C GLN B 162 4.03 2.05 -0.71
N THR B 163 2.85 2.50 -0.28
CA THR B 163 2.63 2.83 1.13
C THR B 163 1.24 2.39 1.57
N VAL B 164 1.12 1.87 2.80
CA VAL B 164 -0.18 1.60 3.39
C VAL B 164 -0.22 2.29 4.76
N LEU B 165 -1.33 2.98 5.03
CA LEU B 165 -1.54 3.65 6.32
C LEU B 165 -2.62 2.92 7.09
N SER B 166 -2.39 2.69 8.39
N SER B 166 -2.39 2.70 8.39
CA SER B 166 -3.36 1.96 9.18
CA SER B 166 -3.33 1.94 9.20
C SER B 166 -3.40 2.54 10.59
C SER B 166 -3.42 2.56 10.59
N LYS B 167 -4.21 1.92 11.46
CA LYS B 167 -4.41 2.38 12.82
C LYS B 167 -4.20 1.23 13.79
N ASP B 168 -3.79 1.58 15.01
CA ASP B 168 -3.63 0.64 16.11
C ASP B 168 -4.91 0.72 16.93
N PRO B 169 -5.71 -0.34 17.00
CA PRO B 169 -7.02 -0.22 17.67
C PRO B 169 -6.92 0.14 19.15
N ASN B 170 -5.76 -0.06 19.79
CA ASN B 170 -5.61 0.23 21.21
C ASN B 170 -4.78 1.48 21.49
N GLU B 171 -4.57 2.33 20.49
CA GLU B 171 -3.78 3.54 20.65
C GLU B 171 -4.73 4.72 20.78
N LYS B 172 -4.71 5.37 21.96
CA LYS B 172 -5.61 6.48 22.23
C LYS B 172 -5.13 7.77 21.58
N ARG B 173 -3.82 7.95 21.46
CA ARG B 173 -3.28 9.18 20.90
C ARG B 173 -3.50 9.18 19.39
N ASP B 174 -3.60 10.39 18.84
CA ASP B 174 -3.59 10.54 17.39
C ASP B 174 -2.31 9.89 16.87
N HIS B 175 -2.44 9.04 15.86
CA HIS B 175 -1.29 8.22 15.49
C HIS B 175 -1.45 7.74 14.06
N MET B 176 -0.36 7.20 13.52
CA MET B 176 -0.35 6.65 12.17
C MET B 176 0.57 5.43 12.15
N VAL B 177 0.04 4.29 11.71
CA VAL B 177 0.83 3.09 11.47
C VAL B 177 1.13 3.06 9.99
N LEU B 178 2.41 2.91 9.63
CA LEU B 178 2.85 3.06 8.26
C LEU B 178 3.71 1.88 7.85
N LEU B 179 3.45 1.34 6.66
CA LEU B 179 4.30 0.34 6.04
C LEU B 179 4.62 0.84 4.64
N GLU B 180 5.89 0.80 4.28
CA GLU B 180 6.34 1.45 3.06
C GLU B 180 7.39 0.58 2.38
N PHE B 181 7.28 0.42 1.06
CA PHE B 181 8.26 -0.27 0.23
C PHE B 181 8.75 0.71 -0.83
N VAL B 182 10.07 0.87 -0.93
CA VAL B 182 10.67 1.78 -1.91
C VAL B 182 11.83 1.08 -2.60
N THR B 183 11.84 1.09 -3.94
CA THR B 183 12.94 0.56 -4.74
C THR B 183 13.41 1.59 -5.74
N ALA B 184 14.73 1.65 -5.92
CA ALA B 184 15.31 2.52 -6.93
C ALA B 184 15.28 1.84 -8.30
N ALA B 185 15.19 2.67 -9.34
CA ALA B 185 15.04 2.18 -10.70
C ALA B 185 15.47 3.28 -11.65
N GLY B 186 15.44 2.97 -12.95
CA GLY B 186 15.71 3.94 -13.99
C GLY B 186 17.14 3.99 -14.48
N ILE B 187 17.95 3.01 -14.11
CA ILE B 187 19.34 2.90 -14.56
C ILE B 187 19.55 1.47 -15.05
N SER B 201 29.72 -4.31 -1.76
CA SER B 201 29.18 -3.01 -1.34
C SER B 201 29.89 -1.86 -2.05
N ALA B 202 29.12 -0.84 -2.41
CA ALA B 202 29.64 0.34 -3.09
C ALA B 202 30.10 1.43 -2.14
N SER B 203 29.76 1.32 -0.85
N SER B 203 29.76 1.32 -0.85
CA SER B 203 30.20 2.28 0.15
CA SER B 203 30.18 2.29 0.16
C SER B 203 30.23 1.59 1.50
C SER B 203 30.23 1.59 1.50
N GLN B 204 30.88 2.25 2.45
CA GLN B 204 30.99 1.73 3.78
C GLN B 204 29.67 1.84 4.48
N GLY B 205 29.05 2.99 4.31
CA GLY B 205 27.73 3.20 4.90
C GLY B 205 26.71 2.19 4.45
N GLU B 206 26.82 1.72 3.21
CA GLU B 206 25.87 0.72 2.71
C GLU B 206 25.80 -0.48 3.63
N GLU B 207 26.95 -0.88 4.20
CA GLU B 207 26.99 -2.09 5.00
C GLU B 207 26.26 -1.95 6.33
N LEU B 208 26.02 -0.71 6.78
CA LEU B 208 25.29 -0.47 8.02
C LEU B 208 23.81 -0.82 7.90
N PHE B 209 23.31 -1.10 6.69
CA PHE B 209 21.92 -1.41 6.46
C PHE B 209 21.72 -2.89 6.16
N THR B 210 22.72 -3.71 6.47
CA THR B 210 22.72 -5.10 6.02
C THR B 210 21.57 -5.89 6.60
N GLY B 211 21.18 -5.60 7.84
CA GLY B 211 20.04 -6.30 8.42
C GLY B 211 18.84 -5.40 8.64
N VAL B 212 18.09 -5.68 9.69
CA VAL B 212 16.99 -4.82 10.10
C VAL B 212 17.55 -3.80 11.09
N VAL B 213 17.24 -2.53 10.86
CA VAL B 213 17.84 -1.42 11.59
C VAL B 213 16.73 -0.70 12.33
N PRO B 214 16.86 -0.46 13.64
CA PRO B 214 15.85 0.32 14.35
C PRO B 214 15.87 1.77 13.90
N ILE B 215 14.70 2.39 13.95
CA ILE B 215 14.52 3.76 13.47
C ILE B 215 13.82 4.59 14.54
N LEU B 216 14.29 5.82 14.71
CA LEU B 216 13.62 6.82 15.54
C LEU B 216 13.37 8.07 14.71
N VAL B 217 12.14 8.57 14.73
CA VAL B 217 11.77 9.80 14.04
C VAL B 217 11.21 10.77 15.06
N GLU B 218 11.71 12.00 15.05
CA GLU B 218 11.18 13.06 15.91
C GLU B 218 10.85 14.28 15.05
N LEU B 219 9.63 14.78 15.18
N LEU B 219 9.63 14.78 15.16
CA LEU B 219 9.19 15.94 14.42
CA LEU B 219 9.21 15.95 14.41
C LEU B 219 8.64 16.99 15.37
C LEU B 219 8.64 16.98 15.36
N ASP B 220 9.12 18.23 15.25
CA ASP B 220 8.54 19.35 15.95
C ASP B 220 8.03 20.31 14.89
N GLY B 221 6.74 20.62 14.95
CA GLY B 221 6.09 21.37 13.89
C GLY B 221 5.32 22.58 14.40
N ASP B 222 5.07 23.49 13.47
CA ASP B 222 4.27 24.68 13.73
C ASP B 222 3.60 24.97 12.39
N VAL B 223 2.28 24.83 12.33
CA VAL B 223 1.52 25.08 11.11
C VAL B 223 0.51 26.17 11.43
N ASN B 224 0.68 27.35 10.80
CA ASN B 224 -0.21 28.48 11.06
C ASN B 224 -0.25 28.83 12.54
N GLY B 225 0.86 28.60 13.23
CA GLY B 225 0.95 28.88 14.65
C GLY B 225 0.48 27.76 15.56
N HIS B 226 -0.08 26.69 14.99
CA HIS B 226 -0.50 25.53 15.76
C HIS B 226 0.70 24.61 15.95
N LYS B 227 1.18 24.48 17.19
CA LYS B 227 2.38 23.69 17.45
C LYS B 227 2.03 22.25 17.77
N PHE B 228 2.90 21.33 17.33
CA PHE B 228 2.69 19.91 17.55
C PHE B 228 4.03 19.22 17.46
N SER B 229 4.06 17.98 17.95
CA SER B 229 5.25 17.15 17.82
C SER B 229 4.80 15.72 17.55
N VAL B 230 5.65 14.97 16.85
CA VAL B 230 5.42 13.58 16.51
C VAL B 230 6.67 12.79 16.84
N ARG B 231 6.48 11.58 17.38
CA ARG B 231 7.55 10.62 17.57
C ARG B 231 7.20 9.35 16.83
N GLY B 232 8.13 8.82 16.06
CA GLY B 232 7.95 7.56 15.36
C GLY B 232 9.02 6.57 15.74
N GLU B 233 8.63 5.30 15.81
CA GLU B 233 9.59 4.24 16.10
C GLU B 233 9.26 3.04 15.24
N GLY B 234 10.30 2.32 14.84
CA GLY B 234 10.05 1.15 14.03
C GLY B 234 11.36 0.58 13.52
N GLU B 235 11.31 0.03 12.31
CA GLU B 235 12.49 -0.63 11.76
C GLU B 235 12.48 -0.50 10.25
N GLY B 236 13.67 -0.57 9.67
CA GLY B 236 13.81 -0.57 8.23
C GLY B 236 14.65 -1.75 7.79
N ASP B 237 14.32 -2.28 6.61
CA ASP B 237 15.03 -3.41 6.01
C ASP B 237 15.39 -3.01 4.58
N ALA B 238 16.56 -2.37 4.40
CA ALA B 238 16.91 -1.81 3.10
C ALA B 238 17.09 -2.87 2.05
N THR B 239 17.38 -4.11 2.46
CA THR B 239 17.53 -5.20 1.50
C THR B 239 16.27 -5.40 0.68
N ILE B 240 15.11 -5.17 1.28
CA ILE B 240 13.85 -5.26 0.56
C ILE B 240 13.16 -3.90 0.47
N GLY B 241 13.81 -2.84 0.91
CA GLY B 241 13.24 -1.50 0.83
C GLY B 241 12.05 -1.25 1.73
N LYS B 242 11.96 -1.94 2.87
CA LYS B 242 10.77 -1.95 3.70
C LYS B 242 10.94 -1.07 4.95
N LEU B 243 9.92 -0.27 5.23
CA LEU B 243 9.80 0.50 6.46
C LEU B 243 8.54 0.10 7.20
N THR B 244 8.65 -0.11 8.52
CA THR B 244 7.49 -0.32 9.36
C THR B 244 7.63 0.61 10.56
N LEU B 245 6.74 1.58 10.68
CA LEU B 245 6.85 2.58 11.73
C LEU B 245 5.49 2.85 12.33
N LYS B 246 5.48 3.22 13.61
CA LYS B 246 4.29 3.76 14.24
C LYS B 246 4.61 5.16 14.75
N PHE B 247 3.81 6.14 14.35
CA PHE B 247 3.95 7.53 14.73
C PHE B 247 2.84 7.91 15.69
N ILE B 248 3.18 8.62 16.76
CA ILE B 248 2.18 9.15 17.67
C ILE B 248 2.36 10.66 17.78
N SER B 249 1.26 11.36 17.95
CA SER B 249 1.33 12.75 18.36
C SER B 249 1.79 12.83 19.82
N THR B 250 2.83 13.62 20.08
CA THR B 250 3.36 13.84 21.41
C THR B 250 3.16 15.29 21.86
N THR B 251 2.26 15.97 21.23
CA THR B 251 2.07 17.34 21.58
C THR B 251 1.09 17.45 22.75
C ACT C . -20.52 7.97 12.44
O ACT C . -21.07 8.60 11.56
OXT ACT C . -21.18 7.34 13.27
CH3 ACT C . -19.04 7.77 12.31
C1 GOL D . -14.72 -22.88 -7.69
O1 GOL D . -15.64 -23.01 -8.75
C2 GOL D . -14.59 -24.29 -7.03
O2 GOL D . -14.19 -25.26 -7.93
C3 GOL D . -13.55 -24.10 -5.91
O3 GOL D . -13.44 -25.33 -5.22
C1 GOL E . -9.52 -15.02 -29.48
O1 GOL E . -8.64 -15.21 -28.39
C2 GOL E . -9.23 -13.80 -30.29
O2 GOL E . -7.84 -13.64 -30.49
C3 GOL E . -9.86 -13.89 -31.67
O3 GOL E . -9.76 -12.61 -32.24
C1 GOL F . -20.75 1.16 -16.41
O1 GOL F . -22.04 0.88 -15.95
C2 GOL F . -19.71 0.84 -15.36
O2 GOL F . -19.75 -0.55 -15.05
C3 GOL F . -18.41 1.12 -16.04
O3 GOL F . -18.28 0.20 -17.10
C ACT G . -7.52 19.80 20.25
O ACT G . -7.12 20.12 19.09
OXT ACT G . -7.33 20.40 21.34
CH3 ACT G . -8.36 18.48 20.34
C ACT H . 13.86 23.92 -0.17
O ACT H . 14.88 23.27 -0.37
OXT ACT H . 13.51 24.35 0.94
CH3 ACT H . 13.34 24.62 -1.34
#